data_2QQ5
#
_entry.id   2QQ5
#
_cell.length_a   56.225
_cell.length_b   87.854
_cell.length_c   100.583
_cell.angle_alpha   90.00
_cell.angle_beta   90.00
_cell.angle_gamma   90.00
#
_symmetry.space_group_name_H-M   'I 2 2 2'
#
loop_
_entity.id
_entity.type
_entity.pdbx_description
1 polymer 'Dehydrogenase/reductase SDR family member 1'
2 water water
#
_entity_poly.entity_id   1
_entity_poly.type   'polypeptide(L)'
_entity_poly.pdbx_seq_one_letter_code
;APMNGQVCVVTGASRGIGRGIALQLCKAGATVYITGRHLDTLRVVAQEAQSLGGQCVPVVCDSSQESEVRSLFEQVDREQ
QGRLDVLVNNAYAGVQTILNTRNKAFWETPASMWDDINNVGLRGHYFCSVYGARLMVPAGQGLIVVISSPGSLQYMFNVP
YGVGKAACDKLAADCAHELRRHGVSCVSLWPGIVQTELLKEHMAKEEVLQDPVLKQFKSAFSSAETTELSGKCVVALATD
PNILSLSGKVLPSCDLARRY
;
_entity_poly.pdbx_strand_id   A
#
# COMPACT_ATOMS: atom_id res chain seq x y z
N ALA A 1 -11.34 20.66 2.25
CA ALA A 1 -10.61 19.51 1.60
C ALA A 1 -11.09 18.19 2.22
N PRO A 2 -11.43 17.20 1.37
CA PRO A 2 -12.15 15.98 1.76
C PRO A 2 -11.48 15.15 2.88
N MET A 3 -10.16 15.17 2.92
CA MET A 3 -9.42 14.37 3.89
C MET A 3 -8.68 15.25 4.90
N ASN A 4 -9.13 16.49 5.03
CA ASN A 4 -8.66 17.39 6.09
C ASN A 4 -8.71 16.70 7.46
N GLY A 5 -7.63 16.77 8.21
CA GLY A 5 -7.56 16.14 9.52
C GLY A 5 -7.23 14.66 9.52
N GLN A 6 -7.18 14.04 8.35
CA GLN A 6 -6.91 12.61 8.28
C GLN A 6 -5.43 12.29 8.17
N VAL A 7 -5.06 11.09 8.63
CA VAL A 7 -3.67 10.68 8.75
C VAL A 7 -3.50 9.38 7.95
N CYS A 8 -2.55 9.37 7.06
CA CYS A 8 -2.30 8.22 6.21
C CYS A 8 -0.84 7.79 6.28
N VAL A 9 -0.60 6.50 6.04
CA VAL A 9 0.74 5.94 5.82
C VAL A 9 0.74 5.19 4.49
N VAL A 10 1.69 5.54 3.62
CA VAL A 10 1.81 4.87 2.33
C VAL A 10 3.22 4.31 2.24
N THR A 11 3.31 2.98 2.18
CA THR A 11 4.62 2.32 2.00
C THR A 11 5.00 2.22 0.52
N GLY A 12 6.30 2.08 0.27
CA GLY A 12 6.80 2.02 -1.10
C GLY A 12 6.43 3.26 -1.91
N ALA A 13 6.53 4.44 -1.29
CA ALA A 13 6.02 5.69 -1.87
C ALA A 13 7.03 6.46 -2.74
N SER A 14 8.22 5.91 -2.94
CA SER A 14 9.27 6.62 -3.67
C SER A 14 9.01 6.72 -5.18
N ARG A 15 8.18 5.82 -5.68
CA ARG A 15 7.89 5.78 -7.10
C ARG A 15 6.61 5.02 -7.36
N GLY A 16 6.19 5.06 -8.62
CA GLY A 16 5.12 4.20 -9.10
C GLY A 16 3.80 4.39 -8.40
N ILE A 17 3.12 3.27 -8.14
CA ILE A 17 1.80 3.29 -7.54
C ILE A 17 1.79 3.98 -6.19
N GLY A 18 2.77 3.68 -5.34
CA GLY A 18 2.83 4.29 -3.99
C GLY A 18 2.98 5.80 -4.04
N ARG A 19 3.85 6.27 -4.91
CA ARG A 19 3.97 7.71 -5.09
C ARG A 19 2.67 8.35 -5.59
N GLY A 20 2.01 7.73 -6.56
CA GLY A 20 0.74 8.23 -7.11
C GLY A 20 -0.33 8.37 -6.02
N ILE A 21 -0.39 7.36 -5.15
CA ILE A 21 -1.38 7.37 -4.06
C ILE A 21 -1.05 8.46 -3.03
N ALA A 22 0.21 8.56 -2.62
CA ALA A 22 0.65 9.62 -1.69
C ALA A 22 0.24 10.99 -2.20
N LEU A 23 0.50 11.22 -3.47
CA LEU A 23 0.19 12.51 -4.08
C LEU A 23 -1.30 12.82 -4.03
N GLN A 24 -2.16 11.85 -4.37
CA GLN A 24 -3.62 12.08 -4.36
C GLN A 24 -4.16 12.26 -2.95
N LEU A 25 -3.59 11.54 -1.98
CA LEU A 25 -3.99 11.68 -0.58
C LEU A 25 -3.63 13.08 -0.05
N CYS A 26 -2.43 13.58 -0.37
CA CYS A 26 -2.09 14.93 0.03
C CYS A 26 -2.99 15.95 -0.68
N LYS A 27 -3.25 15.71 -1.97
CA LYS A 27 -4.14 16.59 -2.72
C LYS A 27 -5.53 16.67 -2.08
N ALA A 28 -5.98 15.57 -1.47
CA ALA A 28 -7.27 15.52 -0.77
C ALA A 28 -7.21 16.16 0.64
N GLY A 29 -6.01 16.57 1.08
CA GLY A 29 -5.81 17.35 2.30
C GLY A 29 -5.30 16.57 3.50
N ALA A 30 -4.94 15.29 3.30
CA ALA A 30 -4.48 14.42 4.40
C ALA A 30 -3.06 14.76 4.82
N THR A 31 -2.69 14.34 6.02
CA THR A 31 -1.27 14.21 6.37
C THR A 31 -0.88 12.79 5.95
N VAL A 32 0.14 12.67 5.10
CA VAL A 32 0.60 11.41 4.57
C VAL A 32 2.05 11.13 4.93
N TYR A 33 2.25 10.11 5.75
CA TYR A 33 3.56 9.54 6.02
C TYR A 33 3.93 8.61 4.85
N ILE A 34 5.08 8.87 4.25
CA ILE A 34 5.58 8.07 3.13
C ILE A 34 6.89 7.40 3.48
N THR A 35 6.99 6.13 3.12
CA THR A 35 8.16 5.38 3.54
C THR A 35 8.95 4.80 2.39
N GLY A 36 10.20 4.48 2.72
CA GLY A 36 11.18 3.96 1.77
C GLY A 36 12.52 3.88 2.47
N ARG A 37 13.52 3.37 1.77
CA ARG A 37 14.84 3.16 2.35
C ARG A 37 15.69 4.43 2.27
N HIS A 38 15.31 5.40 1.43
CA HIS A 38 16.21 6.53 1.13
C HIS A 38 15.51 7.88 1.27
N LEU A 39 15.94 8.64 2.27
CA LEU A 39 15.25 9.86 2.66
C LEU A 39 15.22 10.91 1.54
N ASP A 40 16.35 11.05 0.87
CA ASP A 40 16.51 12.04 -0.21
C ASP A 40 15.44 11.87 -1.28
N THR A 41 15.23 10.63 -1.68
CA THR A 41 14.22 10.30 -2.68
C THR A 41 12.82 10.68 -2.15
N LEU A 42 12.52 10.25 -0.94
CA LEU A 42 11.22 10.54 -0.30
C LEU A 42 10.96 12.04 -0.20
N ARG A 43 12.00 12.81 0.09
CA ARG A 43 11.83 14.26 0.22
C ARG A 43 11.38 14.89 -1.08
N VAL A 44 11.87 14.38 -2.20
CA VAL A 44 11.45 14.93 -3.49
C VAL A 44 9.95 14.68 -3.73
N VAL A 45 9.49 13.44 -3.47
CA VAL A 45 8.04 13.11 -3.52
C VAL A 45 7.22 14.02 -2.58
N ALA A 46 7.75 14.23 -1.38
CA ALA A 46 7.07 15.03 -0.34
C ALA A 46 6.90 16.48 -0.78
N GLN A 47 7.91 17.01 -1.46
CA GLN A 47 7.86 18.37 -1.99
C GLN A 47 6.73 18.48 -2.99
N GLU A 48 6.61 17.47 -3.84
CA GLU A 48 5.57 17.48 -4.84
C GLU A 48 4.20 17.26 -4.19
N ALA A 49 4.12 16.28 -3.29
CA ALA A 49 2.87 15.96 -2.61
C ALA A 49 2.33 17.19 -1.85
N GLN A 50 3.17 17.76 -0.99
CA GLN A 50 2.77 18.89 -0.15
C GLN A 50 2.37 20.10 -1.01
N SER A 51 2.93 20.22 -2.20
CA SER A 51 2.52 21.25 -3.14
C SER A 51 1.05 21.10 -3.58
N LEU A 52 0.56 19.87 -3.65
CA LEU A 52 -0.84 19.62 -4.02
C LEU A 52 -1.77 19.92 -2.85
N GLY A 53 -1.30 19.69 -1.63
CA GLY A 53 -2.06 20.04 -0.43
C GLY A 53 -1.65 19.16 0.73
N GLY A 54 -2.40 19.22 1.82
CA GLY A 54 -2.14 18.43 3.00
C GLY A 54 -0.73 18.64 3.50
N GLN A 55 -0.17 17.58 4.07
CA GLN A 55 1.21 17.53 4.58
C GLN A 55 1.80 16.17 4.25
N CYS A 56 3.11 16.13 4.06
CA CYS A 56 3.76 14.88 3.68
C CYS A 56 5.01 14.67 4.51
N VAL A 57 5.09 13.52 5.17
CA VAL A 57 6.15 13.26 6.13
C VAL A 57 6.97 12.03 5.70
N PRO A 58 8.12 12.29 5.08
CA PRO A 58 9.07 11.21 4.78
C PRO A 58 9.55 10.50 6.03
N VAL A 59 9.48 9.17 6.05
CA VAL A 59 10.07 8.35 7.14
C VAL A 59 10.86 7.23 6.50
N VAL A 60 12.13 7.12 6.87
CA VAL A 60 12.97 6.03 6.38
C VAL A 60 12.52 4.79 7.15
N CYS A 61 12.13 3.76 6.41
CA CYS A 61 11.69 2.51 6.99
C CYS A 61 11.93 1.36 6.02
N ASP A 62 12.81 0.45 6.40
CA ASP A 62 12.96 -0.80 5.71
C ASP A 62 12.02 -1.78 6.40
N SER A 63 10.89 -2.08 5.74
CA SER A 63 9.82 -2.81 6.40
C SER A 63 10.13 -4.31 6.57
N SER A 64 11.28 -4.74 6.05
CA SER A 64 11.82 -6.09 6.32
C SER A 64 12.37 -6.16 7.74
N GLN A 65 12.55 -4.99 8.35
CA GLN A 65 13.02 -4.88 9.72
C GLN A 65 11.88 -4.47 10.62
N GLU A 66 11.43 -5.42 11.44
CA GLU A 66 10.29 -5.17 12.32
C GLU A 66 10.50 -3.95 13.24
N SER A 67 11.71 -3.75 13.75
CA SER A 67 11.98 -2.61 14.66
C SER A 67 11.81 -1.27 13.95
N GLU A 68 12.10 -1.23 12.66
CA GLU A 68 11.88 0.01 11.87
C GLU A 68 10.39 0.31 11.65
N VAL A 69 9.59 -0.73 11.50
CA VAL A 69 8.15 -0.59 11.31
C VAL A 69 7.57 -0.11 12.65
N ARG A 70 7.97 -0.73 13.75
CA ARG A 70 7.55 -0.26 15.06
C ARG A 70 7.85 1.23 15.25
N SER A 71 9.06 1.63 14.89
CA SER A 71 9.53 3.02 14.99
C SER A 71 8.68 3.99 14.16
N LEU A 72 8.35 3.57 12.94
CA LEU A 72 7.45 4.31 12.05
C LEU A 72 6.13 4.58 12.74
N PHE A 73 5.48 3.54 13.25
CA PHE A 73 4.16 3.74 13.83
C PHE A 73 4.17 4.42 15.19
N GLU A 74 5.27 4.30 15.92
CA GLU A 74 5.48 5.08 17.13
C GLU A 74 5.52 6.57 16.79
N GLN A 75 6.17 6.93 15.68
CA GLN A 75 6.25 8.33 15.27
C GLN A 75 4.87 8.88 14.96
N VAL A 76 4.11 8.13 14.17
CA VAL A 76 2.75 8.48 13.80
C VAL A 76 1.91 8.69 15.05
N ASP A 77 1.98 7.73 15.97
CA ASP A 77 1.24 7.80 17.24
C ASP A 77 1.61 9.07 18.02
N ARG A 78 2.90 9.31 18.14
CA ARG A 78 3.42 10.47 18.85
C ARG A 78 2.97 11.76 18.20
N GLU A 79 3.19 11.87 16.89
CA GLU A 79 2.93 13.13 16.20
C GLU A 79 1.44 13.40 16.02
N GLN A 80 0.63 12.37 15.84
CA GLN A 80 -0.79 12.54 15.55
C GLN A 80 -1.71 12.16 16.71
N GLN A 81 -1.15 12.03 17.91
CA GLN A 81 -1.91 11.62 19.10
C GLN A 81 -2.74 10.34 18.85
N GLY A 82 -2.09 9.35 18.24
CA GLY A 82 -2.69 8.03 18.07
C GLY A 82 -3.60 7.86 16.86
N ARG A 83 -3.75 8.91 16.04
CA ARG A 83 -4.71 8.86 14.92
C ARG A 83 -4.08 8.26 13.66
N LEU A 84 -4.73 7.24 13.11
CA LEU A 84 -4.38 6.69 11.80
C LEU A 84 -5.64 6.28 11.06
N ASP A 85 -5.88 6.88 9.89
CA ASP A 85 -7.10 6.66 9.12
C ASP A 85 -6.91 5.66 7.98
N VAL A 86 -5.77 5.75 7.32
CA VAL A 86 -5.50 4.94 6.13
C VAL A 86 -4.07 4.39 6.15
N LEU A 87 -3.93 3.09 5.91
CA LEU A 87 -2.66 2.46 5.65
C LEU A 87 -2.68 1.82 4.29
N VAL A 88 -1.77 2.25 3.40
CA VAL A 88 -1.62 1.60 2.11
C VAL A 88 -0.36 0.78 2.11
N ASN A 89 -0.54 -0.53 2.08
CA ASN A 89 0.55 -1.48 2.00
C ASN A 89 0.90 -1.71 0.54
N ASN A 90 1.98 -1.11 0.09
CA ASN A 90 2.36 -1.13 -1.31
C ASN A 90 3.83 -1.42 -1.39
N ALA A 91 4.24 -2.20 -2.39
CA ALA A 91 5.68 -2.50 -2.54
C ALA A 91 6.04 -2.68 -3.99
N TYR A 92 7.12 -2.00 -4.39
CA TYR A 92 7.76 -2.18 -5.70
C TYR A 92 9.04 -3.02 -5.58
N ALA A 93 9.49 -3.25 -4.34
CA ALA A 93 10.60 -4.16 -4.03
C ALA A 93 10.47 -5.47 -4.78
N GLY A 94 11.48 -5.81 -5.56
CA GLY A 94 11.46 -7.04 -6.33
C GLY A 94 10.96 -7.03 -7.76
N VAL A 95 10.23 -5.99 -8.17
CA VAL A 95 9.67 -5.95 -9.52
C VAL A 95 10.82 -5.95 -10.55
N GLN A 96 11.85 -5.17 -10.27
CA GLN A 96 13.01 -5.15 -11.21
C GLN A 96 13.65 -6.53 -11.33
N THR A 97 13.74 -7.26 -10.21
CA THR A 97 14.25 -8.66 -10.23
C THR A 97 13.40 -9.56 -11.09
N ILE A 98 12.08 -9.40 -10.99
CA ILE A 98 11.13 -10.15 -11.84
C ILE A 98 11.48 -9.90 -13.31
N LEU A 99 11.61 -8.63 -13.65
CA LEU A 99 11.95 -8.23 -15.00
C LEU A 99 13.24 -8.87 -15.46
N ASN A 100 14.29 -8.77 -14.64
CA ASN A 100 15.61 -9.26 -15.05
C ASN A 100 15.67 -10.75 -15.29
N THR A 101 14.81 -11.50 -14.63
CA THR A 101 14.86 -12.95 -14.68
C THR A 101 13.73 -13.51 -15.55
N ARG A 102 13.17 -12.66 -16.42
CA ARG A 102 12.08 -13.06 -17.29
C ARG A 102 12.43 -14.38 -17.94
N ASN A 103 11.45 -15.28 -17.99
CA ASN A 103 11.62 -16.58 -18.62
C ASN A 103 12.73 -17.44 -18.02
N LYS A 104 13.05 -17.24 -16.73
CA LYS A 104 13.88 -18.22 -16.02
C LYS A 104 12.99 -18.86 -14.99
N ALA A 105 13.08 -20.18 -14.87
CA ALA A 105 12.19 -20.94 -13.98
C ALA A 105 12.66 -20.82 -12.55
N PHE A 106 11.79 -21.16 -11.62
CA PHE A 106 12.09 -20.95 -10.19
C PHE A 106 13.32 -21.70 -9.70
N TRP A 107 13.65 -22.82 -10.31
CA TRP A 107 14.87 -23.55 -9.95
C TRP A 107 16.13 -23.01 -10.65
N GLU A 108 15.94 -22.15 -11.65
CA GLU A 108 17.05 -21.56 -12.39
C GLU A 108 17.54 -20.30 -11.70
N THR A 109 16.62 -19.56 -11.13
CA THR A 109 16.94 -18.36 -10.37
C THR A 109 17.41 -18.73 -8.94
N PRO A 110 18.10 -17.81 -8.25
CA PRO A 110 18.58 -18.12 -6.91
C PRO A 110 17.40 -18.34 -5.94
N ALA A 111 17.61 -19.21 -4.96
CA ALA A 111 16.58 -19.47 -3.97
C ALA A 111 16.22 -18.18 -3.24
N SER A 112 17.21 -17.30 -3.05
CA SER A 112 17.04 -16.07 -2.29
C SER A 112 16.14 -15.05 -3.02
N MET A 113 15.79 -15.32 -4.29
CA MET A 113 14.85 -14.46 -5.01
C MET A 113 13.52 -14.30 -4.26
N TRP A 114 13.14 -15.32 -3.48
CA TRP A 114 11.97 -15.20 -2.63
C TRP A 114 12.05 -13.93 -1.80
N ASP A 115 13.21 -13.68 -1.20
CA ASP A 115 13.32 -12.54 -0.28
C ASP A 115 13.29 -11.18 -0.99
N ASP A 116 13.63 -11.17 -2.28
CA ASP A 116 13.61 -9.92 -3.06
C ASP A 116 12.18 -9.48 -3.34
N ILE A 117 11.25 -10.44 -3.32
CA ILE A 117 9.86 -10.23 -3.71
C ILE A 117 8.89 -10.29 -2.50
N ASN A 118 9.14 -11.21 -1.57
CA ASN A 118 8.19 -11.52 -0.49
C ASN A 118 8.68 -11.19 0.89
N ASN A 119 9.76 -10.41 1.00
CA ASN A 119 10.14 -9.86 2.29
C ASN A 119 9.40 -8.53 2.50
N VAL A 120 9.94 -7.43 2.01
CA VAL A 120 9.23 -6.16 2.03
C VAL A 120 7.81 -6.30 1.43
N GLY A 121 7.68 -7.07 0.34
CA GLY A 121 6.41 -7.21 -0.37
C GLY A 121 5.40 -8.23 0.12
N LEU A 122 5.67 -8.85 1.25
CA LEU A 122 4.65 -9.68 1.94
C LEU A 122 4.79 -9.56 3.43
N ARG A 123 5.96 -9.98 3.93
CA ARG A 123 6.27 -9.96 5.33
C ARG A 123 6.13 -8.53 5.90
N GLY A 124 6.68 -7.54 5.19
CA GLY A 124 6.57 -6.13 5.59
C GLY A 124 5.12 -5.64 5.65
N HIS A 125 4.31 -6.08 4.73
CA HIS A 125 2.88 -5.73 4.72
C HIS A 125 2.21 -6.23 6.02
N TYR A 126 2.56 -7.44 6.46
CA TYR A 126 2.03 -7.98 7.72
C TYR A 126 2.45 -7.10 8.90
N PHE A 127 3.73 -6.79 8.97
CA PHE A 127 4.23 -5.96 10.05
C PHE A 127 3.51 -4.60 10.11
N CYS A 128 3.39 -3.95 8.95
CA CYS A 128 2.70 -2.67 8.90
C CYS A 128 1.25 -2.79 9.30
N SER A 129 0.59 -3.84 8.86
CA SER A 129 -0.80 -4.05 9.21
C SER A 129 -1.00 -4.21 10.71
N VAL A 130 -0.12 -4.96 11.35
CA VAL A 130 -0.19 -5.14 12.81
C VAL A 130 -0.13 -3.79 13.52
N TYR A 131 0.93 -3.02 13.25
CA TYR A 131 1.15 -1.76 13.95
C TYR A 131 0.11 -0.69 13.63
N GLY A 132 -0.34 -0.68 12.38
CA GLY A 132 -1.40 0.21 11.93
C GLY A 132 -2.74 -0.11 12.53
N ALA A 133 -3.10 -1.39 12.51
CA ALA A 133 -4.35 -1.85 13.12
C ALA A 133 -4.38 -1.48 14.60
N ARG A 134 -3.24 -1.56 15.28
CA ARG A 134 -3.18 -1.15 16.70
C ARG A 134 -3.66 0.27 16.92
N LEU A 135 -3.38 1.15 15.97
CA LEU A 135 -3.86 2.53 16.04
C LEU A 135 -5.32 2.69 15.60
N MET A 136 -5.74 1.91 14.61
CA MET A 136 -7.10 2.04 14.07
C MET A 136 -8.17 1.49 15.02
N VAL A 137 -7.92 0.29 15.58
CA VAL A 137 -8.96 -0.45 16.27
C VAL A 137 -9.61 0.37 17.41
N PRO A 138 -8.80 1.05 18.26
CA PRO A 138 -9.33 1.92 19.33
C PRO A 138 -10.26 3.03 18.85
N ALA A 139 -10.06 3.50 17.62
CA ALA A 139 -10.89 4.56 17.01
C ALA A 139 -12.21 4.06 16.38
N GLY A 140 -12.33 2.75 16.22
CA GLY A 140 -13.52 2.14 15.60
C GLY A 140 -13.74 2.44 14.13
N GLN A 141 -12.65 2.79 13.43
CA GLN A 141 -12.71 3.15 12.03
C GLN A 141 -11.29 3.13 11.45
N GLY A 142 -11.23 3.12 10.13
CA GLY A 142 -9.97 3.15 9.42
C GLY A 142 -10.02 2.18 8.26
N LEU A 143 -9.02 2.32 7.39
CA LEU A 143 -8.94 1.57 6.15
C LEU A 143 -7.51 1.10 5.90
N ILE A 144 -7.36 -0.19 5.68
CA ILE A 144 -6.11 -0.76 5.26
C ILE A 144 -6.27 -1.23 3.82
N VAL A 145 -5.38 -0.78 2.95
CA VAL A 145 -5.35 -1.17 1.55
C VAL A 145 -4.11 -2.02 1.27
N VAL A 146 -4.33 -3.22 0.74
CA VAL A 146 -3.26 -4.06 0.24
C VAL A 146 -3.24 -4.00 -1.28
N ILE A 147 -2.10 -3.64 -1.85
CA ILE A 147 -1.97 -3.57 -3.30
C ILE A 147 -1.66 -4.99 -3.80
N SER A 148 -2.48 -5.50 -4.70
CA SER A 148 -2.30 -6.86 -5.25
C SER A 148 -2.60 -6.87 -6.75
N SER A 149 -2.86 -8.06 -7.32
CA SER A 149 -3.10 -8.19 -8.76
C SER A 149 -3.68 -9.57 -9.07
N PRO A 150 -4.13 -9.81 -10.33
CA PRO A 150 -4.64 -11.14 -10.73
C PRO A 150 -3.63 -12.28 -10.56
N GLY A 151 -2.37 -11.98 -10.31
CA GLY A 151 -1.42 -13.00 -9.91
C GLY A 151 -1.86 -13.77 -8.69
N SER A 152 -2.79 -13.22 -7.89
CA SER A 152 -3.40 -14.00 -6.81
C SER A 152 -4.23 -15.21 -7.29
N LEU A 153 -4.70 -15.20 -8.55
CA LEU A 153 -5.62 -16.20 -9.07
C LEU A 153 -4.96 -17.30 -9.87
N GLN A 154 -3.76 -17.03 -10.35
CA GLN A 154 -3.21 -17.84 -11.45
C GLN A 154 -1.74 -17.55 -11.56
N TYR A 155 -1.06 -18.35 -12.38
CA TYR A 155 0.36 -18.13 -12.61
C TYR A 155 0.53 -16.79 -13.32
N MET A 156 1.43 -15.98 -12.79
CA MET A 156 1.80 -14.71 -13.42
C MET A 156 3.28 -14.38 -13.18
N PHE A 157 4.02 -14.25 -14.28
CA PHE A 157 5.42 -13.82 -14.31
C PHE A 157 6.41 -14.85 -13.77
N ASN A 158 6.29 -15.18 -12.50
CA ASN A 158 7.15 -16.15 -11.85
C ASN A 158 6.54 -16.63 -10.54
N VAL A 159 7.15 -17.65 -9.94
CA VAL A 159 6.56 -18.30 -8.79
C VAL A 159 6.44 -17.38 -7.58
N PRO A 160 7.56 -16.80 -7.14
CA PRO A 160 7.41 -15.97 -5.94
C PRO A 160 6.44 -14.79 -6.11
N TYR A 161 6.40 -14.19 -7.30
CA TYR A 161 5.44 -13.11 -7.55
C TYR A 161 4.00 -13.56 -7.27
N GLY A 162 3.59 -14.63 -7.94
CA GLY A 162 2.23 -15.19 -7.83
C GLY A 162 1.86 -15.70 -6.46
N VAL A 163 2.80 -16.35 -5.81
CA VAL A 163 2.59 -16.82 -4.45
C VAL A 163 2.38 -15.63 -3.53
N GLY A 164 3.21 -14.60 -3.69
CA GLY A 164 3.10 -13.39 -2.90
C GLY A 164 1.77 -12.70 -3.08
N LYS A 165 1.31 -12.65 -4.31
CA LYS A 165 0.00 -12.02 -4.63
C LYS A 165 -1.17 -12.82 -4.05
N ALA A 166 -1.12 -14.15 -4.15
CA ALA A 166 -2.11 -14.99 -3.45
C ALA A 166 -2.12 -14.66 -1.96
N ALA A 167 -0.93 -14.55 -1.36
CA ALA A 167 -0.81 -14.25 0.05
C ALA A 167 -1.37 -12.86 0.40
N CYS A 168 -1.09 -11.88 -0.44
CA CYS A 168 -1.59 -10.51 -0.22
C CYS A 168 -3.12 -10.42 -0.27
N ASP A 169 -3.75 -11.10 -1.23
CA ASP A 169 -5.21 -11.09 -1.31
C ASP A 169 -5.78 -11.76 -0.05
N LYS A 170 -5.14 -12.83 0.41
CA LYS A 170 -5.60 -13.51 1.61
C LYS A 170 -5.41 -12.68 2.87
N LEU A 171 -4.29 -11.95 2.92
CA LEU A 171 -4.00 -11.04 4.01
C LEU A 171 -5.10 -10.02 4.15
N ALA A 172 -5.48 -9.41 3.03
CA ALA A 172 -6.60 -8.47 3.06
C ALA A 172 -7.90 -9.11 3.59
N ALA A 173 -8.26 -10.28 3.06
CA ALA A 173 -9.48 -10.97 3.45
C ALA A 173 -9.49 -11.36 4.95
N ASP A 174 -8.39 -11.94 5.40
CA ASP A 174 -8.35 -12.46 6.77
C ASP A 174 -8.25 -11.30 7.81
N CYS A 175 -7.49 -10.26 7.49
CA CYS A 175 -7.47 -9.05 8.33
C CYS A 175 -8.85 -8.41 8.41
N ALA A 176 -9.51 -8.28 7.24
CA ALA A 176 -10.89 -7.79 7.16
C ALA A 176 -11.79 -8.55 8.13
N HIS A 177 -11.67 -9.86 8.10
CA HIS A 177 -12.50 -10.73 8.91
C HIS A 177 -12.42 -10.36 10.39
N GLU A 178 -11.20 -10.22 10.89
CA GLU A 178 -10.99 -9.91 12.30
C GLU A 178 -11.34 -8.47 12.63
N LEU A 179 -11.17 -7.57 11.67
CA LEU A 179 -11.37 -6.13 11.90
C LEU A 179 -12.81 -5.67 11.84
N ARG A 180 -13.64 -6.44 11.18
CA ARG A 180 -14.99 -5.98 10.87
C ARG A 180 -15.78 -5.55 12.10
N ARG A 181 -15.71 -6.34 13.17
CA ARG A 181 -16.49 -6.03 14.37
C ARG A 181 -16.05 -4.72 15.05
N HIS A 182 -14.86 -4.26 14.73
CA HIS A 182 -14.30 -3.02 15.25
C HIS A 182 -14.48 -1.84 14.29
N GLY A 183 -15.21 -2.06 13.21
CA GLY A 183 -15.48 -0.99 12.27
C GLY A 183 -14.37 -0.58 11.33
N VAL A 184 -13.30 -1.37 11.29
CA VAL A 184 -12.17 -1.10 10.44
C VAL A 184 -12.21 -1.97 9.20
N SER A 185 -11.93 -1.36 8.06
CA SER A 185 -12.02 -2.02 6.78
C SER A 185 -10.63 -2.38 6.27
N CYS A 186 -10.58 -3.43 5.46
CA CYS A 186 -9.34 -3.84 4.79
C CYS A 186 -9.70 -4.39 3.42
N VAL A 187 -9.10 -3.85 2.36
CA VAL A 187 -9.43 -4.26 1.00
C VAL A 187 -8.18 -4.60 0.22
N SER A 188 -8.36 -5.35 -0.87
CA SER A 188 -7.27 -5.60 -1.78
C SER A 188 -7.55 -4.81 -3.05
N LEU A 189 -6.64 -3.89 -3.37
CA LEU A 189 -6.79 -3.06 -4.57
C LEU A 189 -5.92 -3.64 -5.67
N TRP A 190 -6.50 -3.85 -6.85
CA TRP A 190 -5.72 -4.25 -8.04
C TRP A 190 -5.64 -3.03 -8.97
N PRO A 191 -4.55 -2.27 -8.87
CA PRO A 191 -4.54 -1.00 -9.60
C PRO A 191 -4.07 -1.15 -11.03
N GLY A 192 -3.79 -2.38 -11.44
CA GLY A 192 -3.15 -2.62 -12.73
C GLY A 192 -1.65 -2.47 -12.62
N ILE A 193 -0.93 -3.10 -13.55
CA ILE A 193 0.52 -3.15 -13.51
C ILE A 193 1.17 -1.89 -14.09
N VAL A 194 1.93 -1.15 -13.28
CA VAL A 194 2.67 0.02 -13.74
C VAL A 194 3.80 -0.37 -14.71
N GLN A 195 4.58 -1.38 -14.31
CA GLN A 195 5.66 -1.89 -15.15
C GLN A 195 5.06 -2.72 -16.29
N THR A 196 4.85 -2.07 -17.43
CA THR A 196 4.13 -2.67 -18.54
C THR A 196 4.96 -3.76 -19.23
N GLU A 197 6.29 -3.61 -19.17
CA GLU A 197 7.21 -4.65 -19.66
C GLU A 197 6.84 -5.99 -19.05
N LEU A 198 6.39 -5.99 -17.80
CA LEU A 198 5.92 -7.22 -17.16
C LEU A 198 4.91 -7.90 -18.07
N LEU A 199 3.89 -7.13 -18.45
CA LEU A 199 2.80 -7.64 -19.27
C LEU A 199 3.28 -7.84 -20.70
N SER A 222 -1.88 4.42 -19.93
CA SER A 222 -0.53 4.78 -19.52
C SER A 222 -0.31 4.55 -18.03
N SER A 223 0.96 4.33 -17.67
CA SER A 223 1.34 4.12 -16.27
C SER A 223 1.13 5.38 -15.47
N ALA A 224 1.55 6.50 -16.05
CA ALA A 224 1.31 7.82 -15.49
C ALA A 224 -0.16 7.97 -15.09
N GLU A 225 -1.04 7.78 -16.08
CA GLU A 225 -2.47 7.86 -15.85
C GLU A 225 -2.91 6.86 -14.77
N THR A 226 -2.35 5.66 -14.84
CA THR A 226 -2.70 4.56 -13.96
C THR A 226 -2.39 4.85 -12.48
N THR A 227 -1.21 5.42 -12.20
CA THR A 227 -0.81 5.69 -10.82
C THR A 227 -1.69 6.78 -10.25
N GLU A 228 -2.07 7.77 -11.07
CA GLU A 228 -3.00 8.81 -10.64
C GLU A 228 -4.39 8.23 -10.33
N LEU A 229 -4.86 7.33 -11.19
CA LEU A 229 -6.15 6.65 -10.98
C LEU A 229 -6.14 5.90 -9.66
N SER A 230 -5.05 5.19 -9.38
CA SER A 230 -4.93 4.41 -8.14
C SER A 230 -5.10 5.31 -6.92
N GLY A 231 -4.46 6.48 -6.98
CA GLY A 231 -4.56 7.46 -5.93
C GLY A 231 -5.97 7.97 -5.72
N LYS A 232 -6.63 8.33 -6.83
CA LYS A 232 -8.03 8.77 -6.79
C LYS A 232 -8.96 7.71 -6.18
N CYS A 233 -8.72 6.44 -6.52
CA CYS A 233 -9.45 5.32 -5.91
C CYS A 233 -9.27 5.21 -4.41
N VAL A 234 -8.05 5.38 -3.94
CA VAL A 234 -7.80 5.30 -2.52
C VAL A 234 -8.49 6.46 -1.81
N VAL A 235 -8.48 7.64 -2.41
CA VAL A 235 -9.17 8.79 -1.79
C VAL A 235 -10.69 8.51 -1.75
N ALA A 236 -11.21 7.94 -2.83
CA ALA A 236 -12.63 7.58 -2.91
C ALA A 236 -12.99 6.56 -1.83
N LEU A 237 -12.18 5.50 -1.72
CA LEU A 237 -12.39 4.47 -0.69
C LEU A 237 -12.36 5.07 0.71
N ALA A 238 -11.36 5.90 0.96
CA ALA A 238 -11.15 6.51 2.27
C ALA A 238 -12.23 7.53 2.66
N THR A 239 -13.03 7.98 1.71
CA THR A 239 -14.09 8.95 2.01
C THR A 239 -15.50 8.38 1.77
N ASP A 240 -15.58 7.07 1.54
CA ASP A 240 -16.85 6.38 1.31
C ASP A 240 -17.44 6.01 2.65
N PRO A 241 -18.60 6.57 2.99
CA PRO A 241 -19.27 6.22 4.24
C PRO A 241 -19.65 4.74 4.34
N ASN A 242 -19.76 4.08 3.20
CA ASN A 242 -20.12 2.66 3.14
C ASN A 242 -18.93 1.74 2.90
N ILE A 243 -17.74 2.22 3.27
CA ILE A 243 -16.51 1.49 2.98
C ILE A 243 -16.52 0.06 3.59
N LEU A 244 -17.13 -0.08 4.76
CA LEU A 244 -17.15 -1.40 5.42
C LEU A 244 -17.83 -2.46 4.58
N SER A 245 -18.78 -2.06 3.74
CA SER A 245 -19.45 -3.02 2.85
C SER A 245 -18.50 -3.61 1.79
N LEU A 246 -17.41 -2.91 1.47
CA LEU A 246 -16.38 -3.40 0.54
C LEU A 246 -15.25 -4.17 1.25
N SER A 247 -15.24 -4.10 2.60
CA SER A 247 -14.17 -4.72 3.35
C SER A 247 -14.04 -6.21 3.05
N GLY A 248 -12.82 -6.66 2.79
CA GLY A 248 -12.50 -8.05 2.56
C GLY A 248 -12.56 -8.40 1.07
N LYS A 249 -12.96 -7.43 0.24
CA LYS A 249 -13.06 -7.67 -1.19
C LYS A 249 -11.81 -7.26 -1.99
N VAL A 250 -11.68 -7.88 -3.16
CA VAL A 250 -10.81 -7.47 -4.25
C VAL A 250 -11.52 -6.40 -5.08
N LEU A 251 -10.81 -5.29 -5.30
CA LEU A 251 -11.32 -4.11 -5.99
C LEU A 251 -10.39 -3.75 -7.17
N PRO A 252 -10.75 -4.12 -8.40
CA PRO A 252 -10.07 -3.57 -9.59
C PRO A 252 -10.26 -2.05 -9.69
N SER A 253 -9.19 -1.28 -9.89
CA SER A 253 -9.31 0.20 -9.83
C SER A 253 -10.26 0.77 -10.89
N CYS A 254 -10.32 0.13 -12.05
CA CYS A 254 -11.23 0.57 -13.12
C CYS A 254 -12.70 0.55 -12.68
N ASP A 255 -13.11 -0.50 -11.96
CA ASP A 255 -14.47 -0.58 -11.40
C ASP A 255 -14.75 0.50 -10.36
N LEU A 256 -13.75 0.81 -9.53
CA LEU A 256 -13.92 1.88 -8.52
C LEU A 256 -14.15 3.23 -9.19
N ALA A 257 -13.47 3.46 -10.30
CA ALA A 257 -13.70 4.66 -11.11
C ALA A 257 -15.18 4.77 -11.44
N ARG A 258 -15.76 3.66 -11.86
CA ARG A 258 -17.18 3.64 -12.24
C ARG A 258 -18.06 3.85 -11.02
N ARG A 259 -17.72 3.18 -9.92
CA ARG A 259 -18.46 3.33 -8.67
C ARG A 259 -18.44 4.79 -8.21
N TYR A 260 -17.30 5.46 -8.38
CA TYR A 260 -17.15 6.81 -7.86
C TYR A 260 -17.14 7.84 -8.98
#